data_2YP8
#
_entry.id   2YP8
#
_cell.length_a   100.920
_cell.length_b   100.920
_cell.length_c   386.690
_cell.angle_alpha   90.00
_cell.angle_beta   90.00
_cell.angle_gamma   120.00
#
_symmetry.space_group_name_H-M   'H 3 2'
#
loop_
_entity.id
_entity.type
_entity.pdbx_description
1 polymer HEMAGGLUTININ
2 branched alpha-D-mannopyranose-(1-4)-2-acetamido-2-deoxy-beta-D-glucopyranose-(1-4)-2-acetamido-2-deoxy-beta-D-glucopyranose
3 branched 2-acetamido-2-deoxy-beta-D-glucopyranose-(1-4)-2-acetamido-2-deoxy-beta-D-glucopyranose
4 non-polymer 2-acetamido-2-deoxy-beta-D-glucopyranose
5 non-polymer '4-(2-HYDROXYETHYL)-1-PIPERAZINE ETHANESULFONIC ACID'
6 non-polymer TRIS(HYDROXYETHYL)AMINOMETHANE
7 non-polymer 'N-acetyl-alpha-neuraminic acid'
8 water water
#
_entity_poly.entity_id   1
_entity_poly.type   'polypeptide(L)'
_entity_poly.pdbx_seq_one_letter_code
;QKLPGNDNSTATLCLGHHAVPNGTIVKTITNDQIEVTNATELVQSSSTGGICDSPHQILDGENCTLIDALLGDPQCDGFQ
NKKWDLFVERSKAYSNCYPYDVPDYASLRSLVASSGTLEFNNESFNWTGVTQNGTSSACKRKSNNSFFSRLNWLTHLKFK
YPALNVTMPNNEKFDKLYIWGVHHPGTDNDQIFLYAQASGRITVSTKRSQQTVIPNIGSRPRVRNIPSRISIYWTIVKPG
DILLINSTGNLIAPRGYFKIRSGKSSIMRSDAPIGKCNSECITPNGSIPNDKPFQNVNRITYGACPRYVKQNTLKLATGM
RNVPEKQTQGIFGAIAGFIENGWEGMVDGWYGFRHQNSEGIGQAADLKSTQAAINQINGKLNRLIGKTNEKFHQIEKEFS
EVEGRIQDLEKYVEDTKIDLWSYNAELLVALENQHTIDLTDSEMNKLFERTKKQLRENAEDMGNGCFKIYHKCDNACIGS
IRNGTYDHDVYRDEALNNRFQIK
;
_entity_poly.pdbx_strand_id   A
#
loop_
_chem_comp.id
_chem_comp.type
_chem_comp.name
_chem_comp.formula
EPE non-polymer '4-(2-HYDROXYETHYL)-1-PIPERAZINE ETHANESULFONIC ACID' 'C8 H18 N2 O4 S'
MAN D-saccharide, alpha linking alpha-D-mannopyranose 'C6 H12 O6'
NAG D-saccharide, beta linking 2-acetamido-2-deoxy-beta-D-glucopyranose 'C8 H15 N O6'
SIA D-saccharide, alpha linking 'N-acetyl-alpha-neuraminic acid' 'C11 H19 N O9'
TAM non-polymer TRIS(HYDROXYETHYL)AMINOMETHANE 'C7 H17 N O3'
#
# COMPACT_ATOMS: atom_id res chain seq x y z
N ASN A 8 53.82 -27.39 -25.62
CA ASN A 8 54.64 -27.93 -24.49
C ASN A 8 55.65 -26.89 -23.99
N SER A 9 56.02 -26.99 -22.70
CA SER A 9 56.86 -25.99 -22.03
C SER A 9 56.07 -24.72 -21.66
N THR A 10 54.75 -24.76 -21.85
CA THR A 10 53.87 -23.63 -21.55
C THR A 10 52.56 -24.13 -20.95
N ALA A 11 51.76 -23.19 -20.46
CA ALA A 11 50.46 -23.50 -19.94
C ALA A 11 49.53 -22.37 -20.37
N THR A 12 48.24 -22.62 -20.28
CA THR A 12 47.20 -21.60 -20.52
C THR A 12 46.36 -21.43 -19.28
N LEU A 13 46.08 -20.17 -18.93
CA LEU A 13 45.18 -19.87 -17.82
C LEU A 13 44.13 -18.86 -18.27
N CYS A 14 42.87 -19.29 -18.27
CA CYS A 14 41.74 -18.47 -18.70
C CYS A 14 40.91 -18.01 -17.50
N LEU A 15 40.44 -16.77 -17.59
CA LEU A 15 39.55 -16.20 -16.61
C LEU A 15 38.17 -16.19 -17.20
N GLY A 16 37.17 -16.54 -16.40
CA GLY A 16 35.81 -16.64 -16.92
C GLY A 16 34.73 -16.43 -15.90
N HIS A 17 33.49 -16.46 -16.38
CA HIS A 17 32.33 -16.33 -15.52
C HIS A 17 31.27 -17.29 -15.96
N HIS A 18 30.32 -17.59 -15.07
CA HIS A 18 29.27 -18.55 -15.35
C HIS A 18 28.26 -18.04 -16.33
N ALA A 19 27.43 -18.96 -16.79
CA ALA A 19 26.30 -18.69 -17.65
C ALA A 19 25.28 -19.75 -17.31
N VAL A 20 24.01 -19.47 -17.60
CA VAL A 20 22.93 -20.40 -17.28
C VAL A 20 22.13 -20.67 -18.52
N PRO A 21 21.50 -21.86 -18.58
CA PRO A 21 20.71 -22.16 -19.78
C PRO A 21 19.39 -21.38 -19.87
N ASN A 22 18.88 -20.92 -18.73
CA ASN A 22 17.55 -20.28 -18.65
C ASN A 22 17.61 -18.84 -18.12
N GLY A 23 18.22 -17.93 -18.87
CA GLY A 23 18.39 -16.53 -18.42
C GLY A 23 17.10 -15.73 -18.51
N THR A 24 17.10 -14.49 -18.00
CA THR A 24 15.91 -13.62 -18.03
C THR A 24 16.23 -12.23 -18.58
N ILE A 25 15.27 -11.65 -19.28
CA ILE A 25 15.46 -10.36 -19.91
C ILE A 25 15.12 -9.23 -18.93
N VAL A 26 16.03 -8.27 -18.81
CA VAL A 26 15.80 -7.05 -18.04
C VAL A 26 16.12 -5.82 -18.87
N LYS A 27 15.76 -4.66 -18.32
CA LYS A 27 16.04 -3.37 -18.94
C LYS A 27 17.11 -2.59 -18.16
N THR A 28 18.05 -1.99 -18.88
CA THR A 28 19.05 -1.14 -18.26
C THR A 28 19.01 0.21 -18.95
N ILE A 29 19.92 1.09 -18.57
CA ILE A 29 20.04 2.37 -19.24
C ILE A 29 20.62 2.17 -20.64
N THR A 30 21.56 1.25 -20.78
CA THR A 30 22.20 0.97 -22.07
C THR A 30 21.30 0.17 -23.03
N ASN A 31 20.52 -0.77 -22.49
CA ASN A 31 19.77 -1.73 -23.33
C ASN A 31 18.32 -1.85 -22.89
N ASP A 32 17.39 -1.74 -23.83
CA ASP A 32 15.98 -2.02 -23.55
CA ASP A 32 15.97 -2.02 -23.57
C ASP A 32 15.79 -3.49 -23.13
N GLN A 33 16.58 -4.38 -23.70
CA GLN A 33 16.52 -5.81 -23.40
C GLN A 33 17.94 -6.37 -23.28
N ILE A 34 18.29 -6.89 -22.12
CA ILE A 34 19.54 -7.61 -21.95
C ILE A 34 19.27 -8.82 -21.09
N GLU A 35 19.78 -9.98 -21.51
CA GLU A 35 19.59 -11.19 -20.75
C GLU A 35 20.64 -11.28 -19.64
N VAL A 36 20.17 -11.55 -18.43
CA VAL A 36 21.00 -11.76 -17.25
C VAL A 36 20.73 -13.14 -16.71
N THR A 37 21.54 -13.60 -15.77
CA THR A 37 21.40 -14.95 -15.26
C THR A 37 20.18 -15.15 -14.37
N ASN A 38 19.71 -14.07 -13.75
CA ASN A 38 18.61 -14.19 -12.82
C ASN A 38 18.06 -12.80 -12.58
N ALA A 39 16.78 -12.75 -12.22
CA ALA A 39 16.14 -11.49 -11.85
C ALA A 39 15.01 -11.76 -10.87
N THR A 40 14.50 -10.70 -10.26
CA THR A 40 13.39 -10.82 -9.35
C THR A 40 12.35 -9.73 -9.65
N GLU A 41 11.09 -10.06 -9.41
CA GLU A 41 9.96 -9.17 -9.72
C GLU A 41 9.75 -8.11 -8.63
N LEU A 42 9.65 -6.85 -9.02
CA LEU A 42 9.46 -5.78 -8.05
C LEU A 42 8.03 -5.21 -7.99
N VAL A 43 7.16 -5.67 -8.88
CA VAL A 43 5.76 -5.26 -8.88
C VAL A 43 4.87 -6.42 -8.43
N GLN A 44 4.19 -6.21 -7.31
CA GLN A 44 3.19 -7.18 -6.84
C GLN A 44 1.91 -7.07 -7.69
N SER A 45 1.53 -8.15 -8.35
CA SER A 45 0.37 -8.08 -9.22
C SER A 45 -0.78 -9.01 -8.88
N SER A 46 -0.65 -9.80 -7.84
CA SER A 46 -1.75 -10.68 -7.45
C SER A 46 -2.13 -10.41 -6.01
N SER A 47 -3.38 -10.76 -5.69
CA SER A 47 -3.87 -10.84 -4.32
C SER A 47 -4.50 -12.21 -4.11
N THR A 48 -4.51 -12.68 -2.86
CA THR A 48 -5.27 -13.85 -2.41
C THR A 48 -6.75 -13.74 -2.71
N GLY A 49 -7.26 -12.51 -2.66
CA GLY A 49 -8.67 -12.28 -2.88
C GLY A 49 -9.44 -12.15 -1.58
N GLY A 50 -8.77 -12.38 -0.44
CA GLY A 50 -9.38 -12.16 0.87
C GLY A 50 -8.68 -11.08 1.70
N ILE A 51 -9.46 -10.37 2.54
CA ILE A 51 -8.88 -9.42 3.50
C ILE A 51 -8.55 -10.17 4.80
N CYS A 52 -7.27 -10.23 5.15
CA CYS A 52 -6.83 -10.90 6.38
C CYS A 52 -7.26 -10.10 7.61
N ASP A 53 -7.79 -10.79 8.62
CA ASP A 53 -8.34 -10.15 9.80
C ASP A 53 -7.26 -9.75 10.80
N SER A 54 -6.01 -10.08 10.50
CA SER A 54 -4.86 -9.67 11.29
C SER A 54 -3.80 -9.02 10.38
N PRO A 55 -2.97 -8.10 10.93
CA PRO A 55 -2.91 -7.63 12.30
C PRO A 55 -3.72 -6.35 12.58
N HIS A 56 -4.45 -5.83 11.60
CA HIS A 56 -5.29 -4.66 11.78
C HIS A 56 -6.64 -5.07 12.26
N GLN A 57 -7.25 -4.23 13.08
CA GLN A 57 -8.61 -4.48 13.53
C GLN A 57 -9.62 -4.15 12.45
N ILE A 58 -10.27 -5.18 11.95
CA ILE A 58 -11.19 -5.06 10.84
C ILE A 58 -12.61 -5.05 11.36
N LEU A 59 -13.43 -4.14 10.86
CA LEU A 59 -14.87 -4.18 11.13
C LEU A 59 -15.62 -4.29 9.83
N ASP A 60 -16.23 -5.46 9.62
CA ASP A 60 -17.02 -5.71 8.41
C ASP A 60 -18.41 -5.13 8.60
N GLY A 61 -18.76 -4.13 7.79
CA GLY A 61 -20.05 -3.47 7.90
C GLY A 61 -21.24 -4.34 7.51
N GLU A 62 -20.98 -5.44 6.79
CA GLU A 62 -22.05 -6.33 6.33
C GLU A 62 -23.13 -5.52 5.61
N ASN A 63 -24.37 -5.51 6.09
CA ASN A 63 -25.42 -4.74 5.41
C ASN A 63 -25.47 -3.24 5.76
N CYS A 64 -24.55 -2.79 6.61
CA CYS A 64 -24.57 -1.44 7.14
C CYS A 64 -23.41 -0.60 6.59
N THR A 65 -23.72 0.62 6.18
CA THR A 65 -22.69 1.64 5.99
C THR A 65 -22.26 2.13 7.37
N LEU A 66 -21.10 2.79 7.43
CA LEU A 66 -20.65 3.43 8.66
C LEU A 66 -21.70 4.41 9.18
N ILE A 67 -22.26 5.22 8.28
CA ILE A 67 -23.24 6.23 8.72
C ILE A 67 -24.51 5.55 9.25
N ASP A 68 -24.93 4.43 8.66
CA ASP A 68 -26.08 3.70 9.24
C ASP A 68 -25.78 3.17 10.64
N ALA A 69 -24.56 2.68 10.82
CA ALA A 69 -24.11 2.19 12.12
C ALA A 69 -24.01 3.32 13.15
N LEU A 70 -23.61 4.52 12.68
CA LEU A 70 -23.53 5.71 13.53
C LEU A 70 -24.91 6.14 14.05
N LEU A 71 -25.84 6.32 13.13
CA LEU A 71 -27.19 6.76 13.49
C LEU A 71 -27.91 5.71 14.32
N GLY A 72 -27.65 4.43 14.05
CA GLY A 72 -28.22 3.34 14.82
C GLY A 72 -29.45 2.70 14.18
N ASP A 73 -29.36 2.46 12.88
CA ASP A 73 -30.32 1.64 12.13
C ASP A 73 -30.41 0.28 12.86
N PRO A 74 -31.64 -0.22 13.11
CA PRO A 74 -31.76 -1.46 13.89
C PRO A 74 -30.90 -2.64 13.45
N GLN A 75 -30.76 -2.85 12.15
CA GLN A 75 -29.88 -3.94 11.67
C GLN A 75 -28.41 -3.73 12.03
N CYS A 76 -28.05 -2.54 12.50
CA CYS A 76 -26.68 -2.23 12.87
C CYS A 76 -26.47 -2.18 14.39
N ASP A 77 -27.42 -2.67 15.17
CA ASP A 77 -27.31 -2.59 16.63
C ASP A 77 -26.08 -3.30 17.18
N GLY A 78 -25.65 -4.36 16.51
CA GLY A 78 -24.47 -5.12 16.93
C GLY A 78 -23.17 -4.33 16.85
N PHE A 79 -23.17 -3.21 16.13
CA PHE A 79 -21.97 -2.37 15.98
C PHE A 79 -21.78 -1.36 17.12
N GLN A 80 -22.72 -1.27 18.05
CA GLN A 80 -22.65 -0.21 19.04
C GLN A 80 -21.31 -0.19 19.77
N ASN A 81 -20.71 0.99 19.84
CA ASN A 81 -19.48 1.22 20.59
C ASN A 81 -18.20 0.54 20.07
N LYS A 82 -18.27 -0.10 18.91
CA LYS A 82 -17.10 -0.80 18.39
C LYS A 82 -16.06 0.15 17.83
N LYS A 83 -14.82 -0.31 17.78
CA LYS A 83 -13.70 0.41 17.19
C LYS A 83 -13.13 -0.40 16.01
N TRP A 84 -12.29 0.27 15.22
CA TRP A 84 -11.65 -0.37 14.06
C TRP A 84 -10.41 0.36 13.70
N ASP A 85 -9.51 -0.35 13.06
CA ASP A 85 -8.48 0.24 12.23
C ASP A 85 -9.05 0.46 10.83
N LEU A 86 -9.74 -0.56 10.30
CA LEU A 86 -10.37 -0.47 8.98
C LEU A 86 -11.79 -0.95 8.99
N PHE A 87 -12.69 -0.03 8.65
CA PHE A 87 -14.10 -0.32 8.48
C PHE A 87 -14.30 -0.69 7.02
N VAL A 88 -14.92 -1.84 6.78
CA VAL A 88 -15.10 -2.33 5.41
C VAL A 88 -16.57 -2.23 5.02
N GLU A 89 -16.88 -1.39 4.03
CA GLU A 89 -18.24 -1.19 3.55
C GLU A 89 -18.47 -2.01 2.30
N ARG A 90 -19.60 -2.73 2.31
CA ARG A 90 -19.97 -3.68 1.28
C ARG A 90 -20.92 -3.03 0.29
N SER A 91 -20.83 -3.42 -0.98
CA SER A 91 -21.71 -2.83 -2.00
C SER A 91 -23.18 -3.22 -1.78
N LYS A 92 -23.41 -4.35 -1.13
CA LYS A 92 -24.78 -4.81 -0.82
C LYS A 92 -25.45 -3.99 0.29
N ALA A 93 -24.70 -3.14 0.99
CA ALA A 93 -25.22 -2.44 2.17
C ALA A 93 -26.45 -1.61 1.80
N TYR A 94 -27.43 -1.57 2.69
CA TYR A 94 -28.65 -0.79 2.44
C TYR A 94 -29.22 -0.25 3.74
N SER A 95 -29.93 0.88 3.64
CA SER A 95 -30.57 1.47 4.80
C SER A 95 -31.95 0.89 4.99
N ASN A 96 -32.35 0.72 6.25
CA ASN A 96 -33.64 0.10 6.54
C ASN A 96 -34.37 0.77 7.70
N CYS A 97 -34.26 2.09 7.75
CA CYS A 97 -34.93 2.89 8.78
C CYS A 97 -35.56 4.08 8.07
N TYR A 98 -35.76 5.18 8.77
CA TYR A 98 -36.38 6.35 8.17
C TYR A 98 -35.49 6.93 7.07
N PRO A 99 -36.07 7.28 5.91
CA PRO A 99 -35.22 7.83 4.85
C PRO A 99 -34.53 9.13 5.26
N TYR A 100 -33.25 9.23 4.95
CA TYR A 100 -32.48 10.40 5.36
C TYR A 100 -31.47 10.79 4.30
N ASP A 101 -31.01 12.03 4.41
CA ASP A 101 -29.80 12.44 3.72
C ASP A 101 -28.87 13.18 4.68
N VAL A 102 -27.61 13.31 4.28
CA VAL A 102 -26.62 14.05 5.04
C VAL A 102 -25.99 15.04 4.08
N PRO A 103 -26.31 16.34 4.24
CA PRO A 103 -25.51 17.30 3.49
C PRO A 103 -24.03 17.08 3.82
N ASP A 104 -23.16 17.02 2.83
CA ASP A 104 -21.72 16.65 3.10
C ASP A 104 -21.53 15.31 3.84
N TYR A 105 -22.33 14.34 3.41
CA TYR A 105 -22.17 12.95 3.74
C TYR A 105 -20.71 12.49 3.69
N ALA A 106 -20.01 12.79 2.60
CA ALA A 106 -18.61 12.33 2.46
C ALA A 106 -17.75 12.80 3.60
N SER A 107 -17.95 14.03 4.06
CA SER A 107 -17.13 14.52 5.18
C SER A 107 -17.45 13.86 6.50
N LEU A 108 -18.72 13.59 6.78
CA LEU A 108 -19.08 12.98 8.06
C LEU A 108 -18.57 11.53 8.06
N ARG A 109 -18.76 10.85 6.93
CA ARG A 109 -18.20 9.52 6.75
C ARG A 109 -16.69 9.49 7.01
N SER A 110 -15.97 10.44 6.40
CA SER A 110 -14.52 10.53 6.55
C SER A 110 -14.10 10.78 8.00
N LEU A 111 -14.71 11.75 8.64
CA LEU A 111 -14.26 12.11 9.99
C LEU A 111 -14.55 11.01 11.00
N VAL A 112 -15.68 10.33 10.86
CA VAL A 112 -15.98 9.17 11.73
C VAL A 112 -15.02 8.00 11.42
N ALA A 113 -14.79 7.75 10.13
CA ALA A 113 -13.85 6.69 9.72
C ALA A 113 -12.47 6.87 10.30
N SER A 114 -11.96 8.11 10.22
CA SER A 114 -10.64 8.47 10.71
C SER A 114 -10.54 8.41 12.25
N SER A 115 -11.63 8.77 12.91
CA SER A 115 -11.72 8.67 14.37
C SER A 115 -11.65 7.22 14.86
N GLY A 116 -12.29 6.31 14.13
CA GLY A 116 -12.12 4.87 14.35
C GLY A 116 -12.91 4.29 15.53
N THR A 117 -13.95 4.99 15.94
CA THR A 117 -14.76 4.54 17.08
C THR A 117 -16.20 4.97 16.96
N LEU A 118 -17.08 4.08 17.39
CA LEU A 118 -18.49 4.39 17.53
C LEU A 118 -18.89 4.54 19.01
N GLU A 119 -17.91 4.71 19.91
CA GLU A 119 -18.22 4.90 21.34
C GLU A 119 -19.17 6.06 21.54
N PHE A 120 -20.27 5.81 22.27
CA PHE A 120 -21.34 6.76 22.45
C PHE A 120 -21.66 6.86 23.95
N ASN A 121 -21.79 8.08 24.45
CA ASN A 121 -22.13 8.31 25.86
C ASN A 121 -23.48 9.01 25.90
N ASN A 122 -24.44 8.37 26.55
CA ASN A 122 -25.77 8.95 26.71
C ASN A 122 -25.73 10.16 27.63
N GLU A 123 -26.57 11.15 27.35
CA GLU A 123 -26.71 12.32 28.20
C GLU A 123 -28.17 12.64 28.42
N SER A 124 -28.46 13.25 29.57
CA SER A 124 -29.83 13.56 30.01
C SER A 124 -30.21 14.96 29.60
N PHE A 125 -30.72 15.10 28.38
CA PHE A 125 -31.18 16.39 27.92
C PHE A 125 -32.50 16.71 28.61
N ASN A 126 -32.76 17.99 28.85
CA ASN A 126 -34.01 18.36 29.46
C ASN A 126 -35.08 18.65 28.39
N TRP A 127 -35.84 17.62 28.02
CA TRP A 127 -36.93 17.76 27.04
C TRP A 127 -38.28 17.93 27.70
N THR A 128 -38.37 18.89 28.59
CA THR A 128 -39.63 19.20 29.25
C THR A 128 -40.66 19.76 28.26
N GLY A 129 -41.87 19.18 28.28
CA GLY A 129 -43.00 19.71 27.51
C GLY A 129 -43.25 19.07 26.17
N VAL A 130 -42.44 18.06 25.82
CA VAL A 130 -42.61 17.33 24.56
C VAL A 130 -42.68 15.83 24.83
N THR A 131 -43.20 15.09 23.87
CA THR A 131 -43.18 13.63 23.89
C THR A 131 -41.87 13.18 23.24
N GLN A 132 -41.16 12.27 23.90
CA GLN A 132 -39.90 11.71 23.41
C GLN A 132 -40.13 10.37 22.74
N ASN A 133 -39.09 9.86 22.08
CA ASN A 133 -39.07 8.49 21.55
C ASN A 133 -40.10 8.19 20.47
N GLY A 134 -40.31 9.13 19.56
CA GLY A 134 -41.16 8.85 18.40
C GLY A 134 -40.62 7.66 17.61
N THR A 135 -41.54 6.85 17.08
CA THR A 135 -41.17 5.68 16.28
C THR A 135 -41.89 5.66 14.93
N SER A 136 -41.50 4.72 14.07
CA SER A 136 -42.04 4.60 12.72
C SER A 136 -42.08 3.14 12.28
N SER A 137 -43.10 2.79 11.50
CA SER A 137 -43.20 1.45 10.89
C SER A 137 -42.12 1.25 9.82
N ALA A 138 -41.53 2.35 9.35
CA ALA A 138 -40.40 2.30 8.42
C ALA A 138 -39.07 1.91 9.08
N CYS A 139 -39.06 1.78 10.41
CA CYS A 139 -37.84 1.47 11.12
C CYS A 139 -38.13 0.47 12.23
N LYS A 140 -38.40 -0.77 11.84
CA LYS A 140 -38.74 -1.83 12.81
C LYS A 140 -37.52 -2.34 13.54
N ARG A 141 -37.65 -2.51 14.86
CA ARG A 141 -36.63 -3.16 15.69
C ARG A 141 -37.31 -4.32 16.45
N LYS A 142 -36.87 -5.55 16.15
CA LYS A 142 -37.50 -6.77 16.68
C LYS A 142 -39.02 -6.72 16.48
N SER A 143 -39.42 -6.48 15.23
CA SER A 143 -40.82 -6.46 14.79
C SER A 143 -41.71 -5.34 15.35
N ASN A 144 -41.16 -4.46 16.20
CA ASN A 144 -41.90 -3.30 16.68
C ASN A 144 -41.45 -2.03 15.96
N ASN A 145 -42.38 -1.09 15.82
CA ASN A 145 -42.04 0.23 15.32
C ASN A 145 -40.95 0.82 16.20
N SER A 146 -39.94 1.45 15.57
CA SER A 146 -38.82 1.98 16.32
C SER A 146 -38.20 3.17 15.58
N PHE A 147 -36.93 3.44 15.84
CA PHE A 147 -36.24 4.59 15.26
C PHE A 147 -34.74 4.39 15.43
N PHE A 148 -33.96 5.26 14.80
CA PHE A 148 -32.51 5.28 15.00
C PHE A 148 -32.19 5.28 16.50
N SER A 149 -31.34 4.35 16.90
CA SER A 149 -31.02 4.20 18.32
C SER A 149 -30.43 5.46 18.97
N ARG A 150 -29.65 6.24 18.22
CA ARG A 150 -28.94 7.37 18.80
C ARG A 150 -29.66 8.69 18.66
N LEU A 151 -30.87 8.65 18.10
CA LEU A 151 -31.64 9.84 17.86
C LEU A 151 -32.99 9.75 18.59
N ASN A 152 -33.56 10.92 18.86
CA ASN A 152 -34.77 11.03 19.70
C ASN A 152 -35.79 11.91 18.99
N TRP A 153 -36.82 11.29 18.45
CA TRP A 153 -37.85 11.99 17.72
C TRP A 153 -38.84 12.59 18.68
N LEU A 154 -38.74 13.91 18.88
CA LEU A 154 -39.62 14.67 19.79
C LEU A 154 -40.88 15.13 19.05
N THR A 155 -42.04 14.93 19.68
CA THR A 155 -43.33 15.37 19.12
C THR A 155 -44.11 16.12 20.21
N HIS A 156 -45.26 16.69 19.86
CA HIS A 156 -46.02 17.50 20.82
C HIS A 156 -46.44 16.71 22.02
N LEU A 157 -46.72 17.41 23.12
CA LEU A 157 -47.31 16.83 24.31
C LEU A 157 -48.63 17.57 24.58
N LYS A 158 -49.74 16.84 24.57
CA LYS A 158 -51.08 17.43 24.77
C LYS A 158 -51.34 18.56 23.77
N PHE A 159 -50.94 18.33 22.52
CA PHE A 159 -51.06 19.32 21.43
C PHE A 159 -50.37 20.66 21.69
N LYS A 160 -49.35 20.63 22.55
CA LYS A 160 -48.42 21.76 22.68
C LYS A 160 -46.98 21.30 22.41
N TYR A 161 -46.22 22.16 21.76
CA TYR A 161 -44.78 21.97 21.58
C TYR A 161 -44.15 23.31 21.98
N PRO A 162 -43.77 23.44 23.27
CA PRO A 162 -43.20 24.71 23.72
C PRO A 162 -41.82 24.88 23.13
N ALA A 163 -41.41 26.13 22.90
CA ALA A 163 -40.11 26.43 22.33
C ALA A 163 -39.04 25.77 23.18
N LEU A 164 -38.16 25.01 22.54
CA LEU A 164 -37.05 24.37 23.25
C LEU A 164 -35.86 25.32 23.22
N ASN A 165 -35.18 25.41 24.35
CA ASN A 165 -33.97 26.18 24.48
C ASN A 165 -33.08 25.42 25.48
N VAL A 166 -32.42 24.39 24.96
CA VAL A 166 -31.84 23.35 25.79
C VAL A 166 -30.32 23.34 25.69
N THR A 167 -29.67 23.21 26.84
CA THR A 167 -28.23 23.31 26.93
C THR A 167 -27.53 21.98 27.35
N MET A 168 -26.31 21.78 26.87
CA MET A 168 -25.47 20.68 27.35
C MET A 168 -24.00 21.10 27.38
N PRO A 169 -23.46 21.39 28.58
CA PRO A 169 -22.07 21.82 28.64
C PRO A 169 -21.11 20.66 28.44
N ASN A 170 -19.95 20.93 27.87
CA ASN A 170 -18.86 19.95 27.82
C ASN A 170 -17.87 20.29 28.92
N ASN A 171 -18.01 19.57 30.03
CA ASN A 171 -17.10 19.67 31.17
C ASN A 171 -16.08 18.54 31.18
N GLU A 172 -15.87 17.90 30.04
CA GLU A 172 -14.89 16.83 29.90
C GLU A 172 -13.60 17.42 29.38
N LYS A 173 -12.55 16.60 29.37
CA LYS A 173 -11.24 16.99 28.85
C LYS A 173 -11.08 16.68 27.36
N PHE A 174 -12.12 16.08 26.74
CA PHE A 174 -12.09 15.71 25.32
C PHE A 174 -13.26 16.32 24.52
N ASP A 175 -13.16 16.25 23.20
CA ASP A 175 -14.20 16.78 22.32
C ASP A 175 -15.38 15.84 22.24
N LYS A 176 -16.57 16.40 22.01
CA LYS A 176 -17.78 15.63 21.82
C LYS A 176 -18.33 15.85 20.41
N LEU A 177 -18.69 14.76 19.75
CA LEU A 177 -19.34 14.81 18.43
C LEU A 177 -20.82 14.55 18.62
N TYR A 178 -21.63 15.55 18.29
CA TYR A 178 -23.08 15.41 18.32
C TYR A 178 -23.66 15.23 16.93
N ILE A 179 -24.55 14.25 16.78
CA ILE A 179 -25.27 13.99 15.54
C ILE A 179 -26.76 14.26 15.78
N TRP A 180 -27.37 15.06 14.91
CA TRP A 180 -28.75 15.46 15.09
C TRP A 180 -29.39 15.64 13.75
N GLY A 181 -30.69 15.93 13.73
CA GLY A 181 -31.41 15.98 12.48
C GLY A 181 -32.60 16.90 12.45
N VAL A 182 -33.08 17.15 11.23
CA VAL A 182 -34.26 17.95 11.01
C VAL A 182 -35.22 17.09 10.21
N HIS A 183 -36.46 17.00 10.68
CA HIS A 183 -37.50 16.24 9.99
C HIS A 183 -38.25 17.12 9.03
N HIS A 184 -38.32 16.69 7.78
CA HIS A 184 -39.06 17.35 6.72
C HIS A 184 -40.32 16.54 6.47
N PRO A 185 -41.47 16.93 7.04
CA PRO A 185 -42.69 16.13 6.83
C PRO A 185 -43.24 16.19 5.42
N GLY A 186 -43.91 15.12 5.00
CA GLY A 186 -44.46 15.04 3.64
C GLY A 186 -45.55 16.07 3.35
N THR A 187 -46.38 16.36 4.35
CA THR A 187 -47.54 17.26 4.21
C THR A 187 -47.73 18.21 5.41
N ASP A 188 -48.48 19.28 5.18
CA ASP A 188 -48.89 20.18 6.28
C ASP A 188 -49.69 19.45 7.37
N ASN A 189 -50.46 18.44 6.97
CA ASN A 189 -51.20 17.60 7.93
C ASN A 189 -50.28 16.91 8.92
N ASP A 190 -49.18 16.34 8.40
CA ASP A 190 -48.20 15.65 9.24
C ASP A 190 -47.50 16.62 10.18
N GLN A 191 -47.22 17.83 9.69
CA GLN A 191 -46.56 18.86 10.49
C GLN A 191 -47.37 19.17 11.74
N ILE A 192 -48.66 19.39 11.56
CA ILE A 192 -49.55 19.70 12.69
C ILE A 192 -49.75 18.48 13.59
N PHE A 193 -49.95 17.32 12.97
CA PHE A 193 -50.13 16.09 13.74
C PHE A 193 -48.95 15.81 14.66
N LEU A 194 -47.74 16.11 14.18
CA LEU A 194 -46.52 15.82 14.92
C LEU A 194 -46.11 16.92 15.89
N TYR A 195 -46.17 18.18 15.46
CA TYR A 195 -45.59 19.28 16.22
C TYR A 195 -46.61 20.36 16.67
N ALA A 196 -47.87 20.17 16.26
CA ALA A 196 -48.99 21.03 16.71
C ALA A 196 -48.91 22.50 16.24
N GLN A 197 -47.99 22.80 15.33
CA GLN A 197 -47.85 24.17 14.83
C GLN A 197 -47.02 24.20 13.55
N ALA A 198 -47.02 25.34 12.87
CA ALA A 198 -46.29 25.52 11.62
C ALA A 198 -44.78 25.34 11.85
N SER A 199 -44.07 24.94 10.81
CA SER A 199 -42.64 24.68 10.93
C SER A 199 -41.88 25.99 11.08
N GLY A 200 -40.79 25.93 11.82
CA GLY A 200 -39.87 27.06 11.98
C GLY A 200 -38.45 26.53 12.09
N ARG A 201 -37.50 27.44 12.00
CA ARG A 201 -36.08 27.07 11.93
C ARG A 201 -35.60 26.36 13.20
N ILE A 202 -34.51 25.61 13.04
CA ILE A 202 -33.79 25.01 14.15
C ILE A 202 -32.39 25.63 14.20
N THR A 203 -31.96 26.07 15.38
CA THR A 203 -30.62 26.61 15.55
C THR A 203 -29.85 25.83 16.62
N VAL A 204 -28.71 25.27 16.21
CA VAL A 204 -27.82 24.56 17.12
C VAL A 204 -26.50 25.33 17.15
N SER A 205 -26.09 25.74 18.34
CA SER A 205 -24.96 26.65 18.46
C SER A 205 -24.04 26.30 19.61
N THR A 206 -22.84 26.87 19.53
CA THR A 206 -21.86 26.83 20.59
C THR A 206 -21.29 28.24 20.69
N LYS A 207 -20.31 28.44 21.56
CA LYS A 207 -19.59 29.70 21.60
C LYS A 207 -18.85 30.02 20.31
N ARG A 208 -18.44 28.98 19.58
CA ARG A 208 -17.63 29.18 18.38
C ARG A 208 -18.34 28.90 17.06
N SER A 209 -19.57 28.40 17.09
CA SER A 209 -20.24 27.99 15.84
C SER A 209 -21.75 28.08 15.93
N GLN A 210 -22.40 28.16 14.78
CA GLN A 210 -23.85 28.15 14.71
C GLN A 210 -24.30 27.54 13.41
N GLN A 211 -25.35 26.72 13.49
CA GLN A 211 -25.96 26.13 12.32
C GLN A 211 -27.47 26.32 12.43
N THR A 212 -28.05 26.98 11.44
CA THR A 212 -29.51 27.13 11.39
C THR A 212 -30.04 26.36 10.17
N VAL A 213 -31.08 25.55 10.40
CA VAL A 213 -31.65 24.72 9.35
C VAL A 213 -33.17 24.90 9.31
N ILE A 214 -33.71 25.01 8.09
CA ILE A 214 -35.14 25.25 7.87
C ILE A 214 -35.82 23.93 7.47
N PRO A 215 -36.75 23.43 8.29
CA PRO A 215 -37.55 22.29 7.83
C PRO A 215 -38.40 22.70 6.64
N ASN A 216 -38.46 21.85 5.62
CA ASN A 216 -39.21 22.12 4.40
C ASN A 216 -40.23 21.02 4.14
N ILE A 217 -41.50 21.37 4.32
CA ILE A 217 -42.60 20.43 4.14
C ILE A 217 -42.82 20.14 2.67
N GLY A 218 -43.10 18.88 2.35
CA GLY A 218 -43.36 18.50 0.96
C GLY A 218 -43.13 17.01 0.74
N SER A 219 -43.85 16.45 -0.23
CA SER A 219 -43.64 15.07 -0.61
C SER A 219 -42.37 14.95 -1.43
N ARG A 220 -41.53 13.99 -1.06
CA ARG A 220 -40.46 13.49 -1.90
C ARG A 220 -40.91 12.13 -2.41
N PRO A 221 -40.24 11.60 -3.45
CA PRO A 221 -40.61 10.25 -3.88
C PRO A 221 -40.49 9.25 -2.73
N ARG A 222 -41.49 8.39 -2.58
CA ARG A 222 -41.50 7.50 -1.43
C ARG A 222 -40.32 6.56 -1.46
N VAL A 223 -39.71 6.41 -0.28
CA VAL A 223 -38.63 5.47 -0.06
C VAL A 223 -39.12 4.59 1.08
N ARG A 224 -39.16 3.28 0.83
CA ARG A 224 -39.75 2.35 1.80
C ARG A 224 -41.08 2.94 2.29
N ASN A 225 -41.86 3.44 1.34
CA ASN A 225 -43.21 4.00 1.55
C ASN A 225 -43.30 5.31 2.34
N ILE A 226 -42.18 6.03 2.49
CA ILE A 226 -42.14 7.27 3.24
C ILE A 226 -41.78 8.45 2.32
N PRO A 227 -42.69 9.43 2.19
CA PRO A 227 -42.44 10.63 1.40
C PRO A 227 -41.74 11.75 2.17
N SER A 228 -41.61 11.61 3.49
CA SER A 228 -40.88 12.57 4.31
C SER A 228 -39.38 12.27 4.25
N ARG A 229 -38.57 13.15 4.85
CA ARG A 229 -37.13 12.95 4.97
C ARG A 229 -36.61 13.49 6.30
N ILE A 230 -35.50 12.92 6.76
CA ILE A 230 -34.69 13.54 7.81
C ILE A 230 -33.34 13.96 7.20
N SER A 231 -32.93 15.19 7.47
CA SER A 231 -31.60 15.67 7.08
C SER A 231 -30.71 15.70 8.32
N ILE A 232 -29.52 15.11 8.19
CA ILE A 232 -28.61 14.91 9.32
C ILE A 232 -27.48 15.94 9.35
N TYR A 233 -27.21 16.46 10.55
CA TYR A 233 -26.19 17.46 10.80
C TYR A 233 -25.31 17.03 11.95
N TRP A 234 -24.14 17.65 12.08
CA TRP A 234 -23.25 17.35 13.20
C TRP A 234 -22.59 18.57 13.74
N THR A 235 -22.23 18.51 15.00
CA THR A 235 -21.59 19.61 15.72
C THR A 235 -20.55 19.03 16.66
N ILE A 236 -19.34 19.56 16.61
CA ILE A 236 -18.30 19.15 17.57
C ILE A 236 -18.18 20.20 18.66
N VAL A 237 -18.26 19.78 19.92
CA VAL A 237 -18.22 20.70 21.07
C VAL A 237 -16.95 20.50 21.88
N LYS A 238 -16.15 21.55 21.99
CA LYS A 238 -14.87 21.53 22.70
C LYS A 238 -15.04 21.57 24.21
N PRO A 239 -14.03 21.08 24.95
CA PRO A 239 -14.02 21.28 26.40
C PRO A 239 -14.20 22.74 26.73
N GLY A 240 -15.03 23.03 27.73
CA GLY A 240 -15.30 24.39 28.14
C GLY A 240 -16.37 25.07 27.31
N ASP A 241 -16.80 24.46 26.20
CA ASP A 241 -17.89 25.00 25.39
C ASP A 241 -19.21 24.33 25.79
N ILE A 242 -20.30 24.77 25.14
CA ILE A 242 -21.66 24.42 25.50
C ILE A 242 -22.46 24.21 24.23
N LEU A 243 -23.20 23.11 24.13
CA LEU A 243 -24.18 22.94 23.06
C LEU A 243 -25.48 23.62 23.49
N LEU A 244 -26.09 24.38 22.58
CA LEU A 244 -27.40 24.97 22.77
C LEU A 244 -28.29 24.62 21.57
N ILE A 245 -29.43 24.01 21.85
CA ILE A 245 -30.41 23.61 20.84
C ILE A 245 -31.70 24.44 21.03
N ASN A 246 -32.13 25.10 19.94
CA ASN A 246 -33.25 26.06 19.95
C ASN A 246 -34.21 25.67 18.81
N SER A 247 -35.44 25.28 19.16
CA SER A 247 -36.37 24.72 18.19
C SER A 247 -37.83 24.86 18.64
N THR A 248 -38.73 24.89 17.67
CA THR A 248 -40.18 24.84 17.92
C THR A 248 -40.85 23.63 17.25
N GLY A 249 -40.04 22.65 16.86
CA GLY A 249 -40.55 21.49 16.16
C GLY A 249 -39.54 20.94 15.15
N ASN A 250 -39.84 19.76 14.62
CA ASN A 250 -39.06 19.15 13.53
C ASN A 250 -37.66 18.70 13.95
N LEU A 251 -37.39 18.72 15.24
CA LEU A 251 -36.08 18.38 15.78
C LEU A 251 -35.97 16.88 16.00
N ILE A 252 -34.96 16.28 15.37
CA ILE A 252 -34.55 14.92 15.67
C ILE A 252 -33.32 15.07 16.58
N ALA A 253 -33.53 14.90 17.88
CA ALA A 253 -32.55 15.29 18.88
C ALA A 253 -31.50 14.23 19.14
N PRO A 254 -30.28 14.65 19.57
CA PRO A 254 -29.25 13.71 19.98
C PRO A 254 -29.58 13.11 21.34
N ARG A 255 -29.16 11.86 21.58
CA ARG A 255 -29.33 11.23 22.91
C ARG A 255 -28.05 11.31 23.73
N GLY A 256 -27.04 11.98 23.19
CA GLY A 256 -25.71 12.02 23.78
C GLY A 256 -24.70 12.29 22.70
N TYR A 257 -23.44 11.92 22.93
CA TYR A 257 -22.35 12.24 22.01
C TYR A 257 -21.48 11.04 21.71
N PHE A 258 -20.82 11.13 20.56
CA PHE A 258 -19.77 10.20 20.18
C PHE A 258 -18.44 10.74 20.64
N LYS A 259 -17.60 9.84 21.13
CA LYS A 259 -16.20 10.14 21.32
C LYS A 259 -15.62 10.41 19.93
N ILE A 260 -14.72 11.35 19.86
CA ILE A 260 -14.00 11.57 18.63
C ILE A 260 -12.52 11.46 18.96
N ARG A 261 -11.86 10.52 18.30
CA ARG A 261 -10.46 10.19 18.59
C ARG A 261 -9.62 10.57 17.40
N SER A 262 -8.32 10.60 17.57
CA SER A 262 -7.42 10.72 16.42
C SER A 262 -6.49 9.52 16.39
N GLY A 263 -6.22 9.04 15.19
CA GLY A 263 -5.32 7.92 15.02
C GLY A 263 -5.30 7.50 13.57
N LYS A 264 -5.05 6.22 13.36
CA LYS A 264 -4.70 5.70 12.06
C LYS A 264 -5.86 4.94 11.39
N SER A 265 -7.09 5.17 11.84
CA SER A 265 -8.22 4.43 11.29
C SER A 265 -8.67 4.95 9.94
N SER A 266 -9.31 4.08 9.16
CA SER A 266 -9.86 4.47 7.86
C SER A 266 -11.05 3.58 7.51
N ILE A 267 -11.53 3.74 6.28
CA ILE A 267 -12.68 3.02 5.76
C ILE A 267 -12.35 2.65 4.33
N MET A 268 -12.83 1.47 3.90
CA MET A 268 -12.56 0.99 2.55
C MET A 268 -13.82 0.33 1.99
N ARG A 269 -14.08 0.57 0.71
CA ARG A 269 -15.15 -0.13 0.00
C ARG A 269 -14.57 -1.39 -0.61
N SER A 270 -15.13 -2.54 -0.26
CA SER A 270 -14.65 -3.81 -0.78
C SER A 270 -15.71 -4.87 -0.61
N ASP A 271 -15.77 -5.78 -1.57
CA ASP A 271 -16.55 -7.02 -1.41
C ASP A 271 -15.73 -8.26 -1.12
N ALA A 272 -14.45 -8.10 -0.77
CA ALA A 272 -13.59 -9.25 -0.55
C ALA A 272 -13.98 -9.90 0.78
N PRO A 273 -14.00 -11.24 0.82
CA PRO A 273 -14.30 -11.90 2.09
C PRO A 273 -13.20 -11.67 3.13
N ILE A 274 -13.57 -11.65 4.39
CA ILE A 274 -12.59 -11.53 5.47
C ILE A 274 -12.12 -12.92 5.88
N GLY A 275 -10.81 -13.10 5.91
CA GLY A 275 -10.22 -14.38 6.27
C GLY A 275 -9.45 -14.38 7.57
N LYS A 276 -9.26 -15.57 8.14
CA LYS A 276 -8.41 -15.75 9.31
C LYS A 276 -6.97 -15.95 8.86
N CYS A 277 -6.25 -14.86 8.72
CA CYS A 277 -4.88 -14.86 8.23
C CYS A 277 -4.27 -13.51 8.64
N ASN A 278 -2.98 -13.34 8.32
CA ASN A 278 -2.22 -12.19 8.78
C ASN A 278 -1.48 -11.56 7.58
N SER A 279 -1.82 -10.32 7.28
CA SER A 279 -1.15 -9.57 6.21
C SER A 279 -1.20 -8.08 6.49
N GLU A 280 -0.06 -7.40 6.33
CA GLU A 280 0.04 -5.98 6.67
C GLU A 280 -0.71 -5.03 5.72
N CYS A 281 -0.78 -5.41 4.43
CA CYS A 281 -1.29 -4.53 3.38
C CYS A 281 -2.65 -4.97 2.91
N ILE A 282 -3.62 -4.07 3.02
CA ILE A 282 -4.99 -4.33 2.56
C ILE A 282 -5.32 -3.47 1.33
N THR A 283 -5.92 -4.10 0.33
CA THR A 283 -6.52 -3.43 -0.81
C THR A 283 -7.97 -3.92 -0.96
N PRO A 284 -8.79 -3.22 -1.76
CA PRO A 284 -10.16 -3.67 -2.02
C PRO A 284 -10.25 -5.05 -2.67
N ASN A 285 -9.18 -5.47 -3.34
CA ASN A 285 -9.13 -6.79 -3.98
C ASN A 285 -8.78 -7.86 -2.99
N GLY A 286 -8.40 -7.46 -1.77
CA GLY A 286 -7.85 -8.37 -0.79
C GLY A 286 -6.51 -7.94 -0.29
N SER A 287 -6.01 -8.64 0.73
CA SER A 287 -4.66 -8.38 1.23
C SER A 287 -3.62 -8.79 0.20
N ILE A 288 -2.50 -8.09 0.16
CA ILE A 288 -1.42 -8.44 -0.74
C ILE A 288 -0.13 -8.53 0.03
N PRO A 289 0.77 -9.40 -0.40
CA PRO A 289 2.08 -9.41 0.23
C PRO A 289 2.79 -8.08 0.04
N ASN A 290 3.65 -7.71 0.97
CA ASN A 290 4.33 -6.43 0.93
C ASN A 290 5.85 -6.55 0.87
N ASP A 291 6.34 -7.66 0.33
CA ASP A 291 7.76 -7.84 0.16
C ASP A 291 8.29 -6.89 -0.94
N LYS A 292 7.50 -6.70 -1.99
CA LYS A 292 7.95 -5.91 -3.16
C LYS A 292 7.73 -4.42 -2.94
N PRO A 293 8.54 -3.58 -3.61
CA PRO A 293 8.41 -2.15 -3.35
C PRO A 293 7.24 -1.48 -4.08
N PHE A 294 6.76 -2.12 -5.14
CA PHE A 294 5.69 -1.59 -5.98
C PHE A 294 4.58 -2.63 -6.14
N GLN A 295 3.43 -2.18 -6.56
CA GLN A 295 2.28 -3.03 -6.83
C GLN A 295 1.37 -2.39 -7.85
N ASN A 296 0.67 -3.22 -8.61
CA ASN A 296 -0.27 -2.81 -9.63
CA ASN A 296 -0.32 -2.73 -9.57
C ASN A 296 -1.69 -3.37 -9.34
N VAL A 297 -1.94 -3.79 -8.10
CA VAL A 297 -3.23 -4.38 -7.74
C VAL A 297 -4.31 -3.28 -7.59
N ASN A 298 -4.05 -2.23 -6.81
CA ASN A 298 -5.06 -1.20 -6.56
C ASN A 298 -4.40 0.05 -6.01
N ARG A 299 -4.85 1.19 -6.51
CA ARG A 299 -4.41 2.47 -5.96
C ARG A 299 -4.95 2.72 -4.54
N ILE A 300 -6.01 2.02 -4.17
CA ILE A 300 -6.56 2.13 -2.80
C ILE A 300 -5.85 1.12 -1.93
N THR A 301 -5.19 1.60 -0.87
CA THR A 301 -4.43 0.73 0.04
C THR A 301 -4.58 1.19 1.50
N TYR A 302 -4.35 0.26 2.40
CA TYR A 302 -4.29 0.55 3.85
C TYR A 302 -3.20 -0.31 4.46
N GLY A 303 -2.34 0.31 5.25
CA GLY A 303 -1.27 -0.40 5.95
C GLY A 303 0.09 -0.24 5.29
N ALA A 304 1.02 -1.13 5.65
CA ALA A 304 2.38 -1.14 5.10
C ALA A 304 2.32 -1.77 3.72
N CYS A 305 2.19 -0.94 2.68
CA CYS A 305 1.92 -1.43 1.34
C CYS A 305 2.97 -1.00 0.33
N PRO A 306 3.21 -1.84 -0.67
CA PRO A 306 3.99 -1.37 -1.84
C PRO A 306 3.30 -0.15 -2.48
N ARG A 307 4.07 0.69 -3.17
CA ARG A 307 3.51 1.83 -3.84
C ARG A 307 2.87 1.43 -5.18
N TYR A 308 1.71 2.01 -5.45
CA TYR A 308 0.98 1.75 -6.69
C TYR A 308 1.69 2.35 -7.89
N VAL A 309 1.92 1.52 -8.91
CA VAL A 309 2.47 2.00 -10.17
C VAL A 309 1.64 1.44 -11.35
N LYS A 310 1.83 2.03 -12.51
CA LYS A 310 1.10 1.57 -13.71
C LYS A 310 1.65 0.31 -14.35
N GLN A 311 2.95 0.06 -14.19
CA GLN A 311 3.61 -1.10 -14.77
C GLN A 311 3.07 -2.38 -14.17
N ASN A 312 2.93 -3.43 -14.98
CA ASN A 312 2.51 -4.71 -14.39
C ASN A 312 3.69 -5.63 -14.08
N THR A 313 4.91 -5.25 -14.52
CA THR A 313 6.13 -5.96 -14.20
C THR A 313 7.32 -4.99 -14.26
N LEU A 314 8.24 -5.13 -13.32
CA LEU A 314 9.53 -4.50 -13.36
C LEU A 314 10.56 -5.49 -12.81
N LYS A 315 11.46 -5.97 -13.67
CA LYS A 315 12.39 -7.01 -13.26
CA LYS A 315 12.38 -7.01 -13.26
C LYS A 315 13.75 -6.43 -12.86
N LEU A 316 14.17 -6.74 -11.64
CA LEU A 316 15.46 -6.31 -11.10
C LEU A 316 16.47 -7.43 -11.35
N ALA A 317 17.53 -7.12 -12.08
CA ALA A 317 18.61 -8.09 -12.28
C ALA A 317 19.21 -8.51 -10.94
N THR A 318 19.40 -9.82 -10.76
CA THR A 318 20.09 -10.36 -9.58
C THR A 318 21.27 -11.25 -9.98
N GLY A 319 21.75 -11.06 -11.19
CA GLY A 319 22.95 -11.74 -11.65
C GLY A 319 23.52 -10.97 -12.83
N MET A 320 24.65 -11.47 -13.32
CA MET A 320 25.38 -10.81 -14.39
C MET A 320 24.76 -11.07 -15.76
N ARG A 321 25.30 -10.40 -16.78
CA ARG A 321 24.92 -10.69 -18.15
C ARG A 321 25.09 -12.18 -18.43
N ASN A 322 24.11 -12.75 -19.12
CA ASN A 322 24.13 -14.18 -19.47
C ASN A 322 24.61 -14.31 -20.89
N VAL A 323 25.74 -14.99 -21.07
CA VAL A 323 26.40 -15.03 -22.37
C VAL A 323 26.61 -16.50 -22.74
N PRO A 324 26.04 -16.93 -23.86
CA PRO A 324 26.24 -18.35 -24.29
C PRO A 324 27.71 -18.75 -24.41
N GLU A 325 28.00 -20.03 -24.21
CA GLU A 325 29.36 -20.53 -24.45
C GLU A 325 29.58 -20.80 -25.93
N LYS A 326 30.71 -20.33 -26.47
CA LYS A 326 31.07 -20.61 -27.85
C LYS A 326 31.45 -22.09 -28.00
N GLN A 327 31.03 -22.73 -29.08
CA GLN A 327 31.25 -24.18 -29.29
C GLN A 327 32.71 -24.51 -29.57
N ALA A 334 40.49 -25.97 -27.64
CA ALA A 334 41.26 -25.02 -26.83
C ALA A 334 40.30 -24.28 -25.87
N ILE A 335 40.62 -24.29 -24.58
CA ILE A 335 39.86 -23.52 -23.60
C ILE A 335 39.86 -22.04 -23.95
N ALA A 336 38.90 -21.29 -23.41
CA ALA A 336 38.78 -19.87 -23.71
C ALA A 336 38.17 -19.13 -22.54
N GLY A 337 38.48 -17.83 -22.48
CA GLY A 337 38.13 -16.99 -21.35
C GLY A 337 36.89 -16.16 -21.62
N PHE A 338 36.69 -15.14 -20.80
CA PHE A 338 35.42 -14.42 -20.78
C PHE A 338 35.11 -13.56 -22.01
N ILE A 339 36.06 -13.29 -22.88
CA ILE A 339 35.81 -12.39 -24.02
C ILE A 339 34.72 -13.01 -24.93
N GLU A 340 33.55 -12.38 -24.95
CA GLU A 340 32.37 -12.87 -25.68
C GLU A 340 32.01 -14.33 -25.39
N ASN A 341 32.09 -14.76 -24.14
CA ASN A 341 31.99 -16.19 -23.83
C ASN A 341 31.73 -16.48 -22.35
N GLY A 342 30.60 -17.09 -22.03
CA GLY A 342 30.33 -17.57 -20.68
C GLY A 342 30.55 -19.06 -20.52
N TRP A 343 30.63 -19.51 -19.27
CA TRP A 343 30.91 -20.92 -18.96
C TRP A 343 29.72 -21.57 -18.30
N GLU A 344 28.92 -22.31 -19.08
CA GLU A 344 27.76 -22.98 -18.50
C GLU A 344 28.13 -24.07 -17.50
N GLY A 345 29.29 -24.70 -17.72
CA GLY A 345 29.81 -25.68 -16.77
C GLY A 345 30.32 -25.18 -15.45
N MET A 346 30.35 -23.86 -15.25
CA MET A 346 30.85 -23.26 -14.00
C MET A 346 29.67 -23.09 -13.03
N VAL A 347 29.50 -24.04 -12.13
CA VAL A 347 28.30 -24.11 -11.28
C VAL A 347 28.53 -23.92 -9.78
N ASP A 348 29.78 -23.84 -9.33
CA ASP A 348 30.08 -23.62 -7.92
C ASP A 348 30.67 -22.23 -7.65
N GLY A 349 30.59 -21.36 -8.66
CA GLY A 349 31.06 -19.99 -8.51
C GLY A 349 30.52 -19.16 -9.65
N TRP A 350 30.64 -17.84 -9.53
CA TRP A 350 30.25 -16.94 -10.59
C TRP A 350 31.39 -16.58 -11.49
N TYR A 351 32.60 -16.59 -10.93
CA TYR A 351 33.82 -16.29 -11.66
C TYR A 351 34.83 -17.38 -11.34
N GLY A 352 35.78 -17.59 -12.24
CA GLY A 352 36.83 -18.57 -11.93
C GLY A 352 37.91 -18.66 -12.98
N PHE A 353 38.66 -19.76 -12.88
CA PHE A 353 39.84 -20.01 -13.69
C PHE A 353 39.66 -21.34 -14.41
N ARG A 354 40.07 -21.40 -15.67
CA ARG A 354 40.30 -22.68 -16.36
C ARG A 354 41.75 -22.71 -16.84
N HIS A 355 42.37 -23.89 -16.74
CA HIS A 355 43.77 -24.00 -17.10
C HIS A 355 43.99 -25.22 -17.93
N GLN A 356 45.08 -25.16 -18.71
CA GLN A 356 45.62 -26.30 -19.42
C GLN A 356 47.11 -26.35 -19.14
N ASN A 357 47.58 -27.50 -18.64
CA ASN A 357 48.98 -27.67 -18.34
C ASN A 357 49.35 -29.13 -18.59
N SER A 358 50.54 -29.52 -18.14
CA SER A 358 51.04 -30.89 -18.23
C SER A 358 50.12 -31.96 -17.64
N GLU A 359 49.31 -31.57 -16.66
CA GLU A 359 48.50 -32.51 -15.89
C GLU A 359 47.02 -32.56 -16.33
N GLY A 360 46.64 -31.75 -17.33
CA GLY A 360 45.29 -31.80 -17.89
C GLY A 360 44.65 -30.43 -18.01
N ILE A 361 43.31 -30.42 -18.04
CA ILE A 361 42.49 -29.20 -18.13
C ILE A 361 41.59 -29.15 -16.93
N GLY A 362 41.60 -28.03 -16.22
CA GLY A 362 40.91 -27.94 -14.95
C GLY A 362 40.15 -26.63 -14.81
N GLN A 363 39.27 -26.61 -13.82
CA GLN A 363 38.43 -25.46 -13.52
C GLN A 363 38.37 -25.28 -12.02
N ALA A 364 38.39 -24.04 -11.56
CA ALA A 364 38.18 -23.71 -10.16
C ALA A 364 37.47 -22.35 -10.05
N ALA A 365 36.52 -22.28 -9.13
CA ALA A 365 35.80 -21.04 -8.83
C ALA A 365 36.67 -20.12 -8.01
N ASP A 366 36.52 -18.81 -8.21
CA ASP A 366 37.18 -17.80 -7.37
C ASP A 366 36.16 -17.27 -6.37
N LEU A 367 36.39 -17.56 -5.08
CA LEU A 367 35.40 -17.27 -4.05
C LEU A 367 35.24 -15.78 -3.82
N LYS A 368 36.35 -15.06 -3.76
CA LYS A 368 36.34 -13.64 -3.41
C LYS A 368 35.49 -12.83 -4.37
N SER A 369 35.74 -13.02 -5.68
CA SER A 369 35.02 -12.25 -6.71
C SER A 369 33.55 -12.61 -6.72
N THR A 370 33.26 -13.90 -6.57
CA THR A 370 31.89 -14.38 -6.50
C THR A 370 31.13 -13.76 -5.31
N GLN A 371 31.77 -13.76 -4.16
CA GLN A 371 31.15 -13.24 -2.95
C GLN A 371 30.97 -11.71 -3.02
N ALA A 372 31.93 -11.02 -3.62
CA ALA A 372 31.85 -9.58 -3.82
C ALA A 372 30.60 -9.16 -4.61
N ALA A 373 30.34 -9.86 -5.71
CA ALA A 373 29.15 -9.61 -6.54
C ALA A 373 27.87 -9.96 -5.79
N ILE A 374 27.86 -11.13 -5.17
CA ILE A 374 26.67 -11.60 -4.46
C ILE A 374 26.32 -10.66 -3.31
N ASN A 375 27.33 -10.20 -2.56
CA ASN A 375 27.11 -9.27 -1.44
C ASN A 375 26.49 -7.95 -1.87
N GLN A 376 26.96 -7.40 -3.00
CA GLN A 376 26.44 -6.15 -3.50
C GLN A 376 25.01 -6.28 -4.00
N ILE A 377 24.70 -7.41 -4.64
CA ILE A 377 23.34 -7.66 -5.11
C ILE A 377 22.39 -7.86 -3.92
N ASN A 378 22.85 -8.60 -2.92
CA ASN A 378 22.05 -8.79 -1.71
C ASN A 378 21.81 -7.48 -1.00
N GLY A 379 22.80 -6.57 -1.06
CA GLY A 379 22.66 -5.23 -0.51
C GLY A 379 21.52 -4.45 -1.13
N LYS A 380 21.43 -4.47 -2.47
CA LYS A 380 20.34 -3.73 -3.11
C LYS A 380 19.00 -4.42 -2.89
N LEU A 381 18.97 -5.75 -2.80
CA LEU A 381 17.73 -6.41 -2.44
C LEU A 381 17.28 -6.00 -1.04
N ASN A 382 18.24 -5.86 -0.13
CA ASN A 382 17.94 -5.44 1.24
C ASN A 382 17.33 -4.02 1.32
N ARG A 383 17.69 -3.12 0.41
CA ARG A 383 17.08 -1.79 0.35
C ARG A 383 15.67 -1.80 -0.23
N LEU A 384 15.39 -2.78 -1.10
CA LEU A 384 14.17 -2.77 -1.90
C LEU A 384 13.11 -3.73 -1.45
N ILE A 385 13.50 -4.79 -0.75
CA ILE A 385 12.61 -5.88 -0.41
C ILE A 385 12.27 -5.76 1.07
N GLY A 386 10.98 -5.85 1.38
CA GLY A 386 10.52 -5.82 2.76
C GLY A 386 10.67 -4.48 3.46
N LYS A 387 10.61 -3.38 2.71
CA LYS A 387 10.84 -2.06 3.26
C LYS A 387 9.69 -1.06 3.02
N THR A 388 8.47 -1.56 2.86
CA THR A 388 7.34 -0.68 2.55
C THR A 388 7.00 0.22 3.75
N ASN A 389 6.38 1.35 3.43
CA ASN A 389 5.96 2.29 4.46
CA ASN A 389 5.97 2.32 4.44
C ASN A 389 4.44 2.31 4.61
N GLU A 390 3.99 2.58 5.83
CA GLU A 390 2.56 2.59 6.13
C GLU A 390 1.86 3.89 5.74
N LYS A 391 0.67 3.77 5.14
CA LYS A 391 -0.29 4.87 4.99
C LYS A 391 -1.66 4.43 5.48
N PHE A 392 -2.44 5.39 5.97
CA PHE A 392 -3.68 5.07 6.64
C PHE A 392 -4.84 5.75 5.96
N HIS A 393 -5.50 6.71 6.59
CA HIS A 393 -6.63 7.41 5.93
C HIS A 393 -6.09 8.39 4.92
N GLN A 394 -6.64 8.37 3.71
N GLN A 394 -6.61 8.33 3.71
CA GLN A 394 -6.08 9.15 2.60
CA GLN A 394 -6.17 9.19 2.63
C GLN A 394 -7.14 10.07 1.95
C GLN A 394 -7.40 9.82 1.99
N ILE A 395 -7.43 9.88 0.67
CA ILE A 395 -8.56 10.50 -0.01
C ILE A 395 -9.28 9.36 -0.71
N GLU A 396 -10.52 9.61 -1.11
CA GLU A 396 -11.25 8.65 -1.91
C GLU A 396 -10.71 8.69 -3.33
N LYS A 397 -10.81 7.55 -3.99
CA LYS A 397 -10.20 7.38 -5.31
C LYS A 397 -11.14 6.76 -6.35
N GLU A 398 -12.34 6.39 -5.92
CA GLU A 398 -13.43 5.94 -6.79
C GLU A 398 -14.68 6.68 -6.34
N PHE A 399 -15.57 6.99 -7.30
CA PHE A 399 -16.75 7.82 -7.02
C PHE A 399 -17.98 7.26 -7.73
N SER A 400 -19.09 7.20 -7.01
CA SER A 400 -20.36 6.69 -7.58
C SER A 400 -21.26 7.76 -8.18
N GLU A 401 -20.98 9.03 -7.87
CA GLU A 401 -21.78 10.14 -8.42
C GLU A 401 -20.87 11.14 -9.11
N VAL A 402 -21.45 11.86 -10.06
CA VAL A 402 -20.80 12.98 -10.73
C VAL A 402 -20.86 14.21 -9.82
N GLU A 403 -19.74 14.92 -9.64
CA GLU A 403 -19.72 16.07 -8.72
C GLU A 403 -19.03 17.35 -9.23
N GLY A 404 -18.14 17.22 -10.20
CA GLY A 404 -17.44 18.34 -10.78
C GLY A 404 -16.15 18.70 -10.03
N ARG A 405 -16.02 19.97 -9.66
CA ARG A 405 -14.73 20.56 -9.27
C ARG A 405 -13.89 19.79 -8.21
N ILE A 406 -14.51 19.47 -7.08
N ILE A 406 -14.49 19.46 -7.08
CA ILE A 406 -13.76 18.79 -6.00
CA ILE A 406 -13.71 18.82 -6.02
C ILE A 406 -13.27 17.42 -6.43
C ILE A 406 -13.26 17.42 -6.44
N GLN A 407 -14.15 16.67 -7.08
CA GLN A 407 -13.81 15.36 -7.59
C GLN A 407 -12.73 15.41 -8.68
N ASP A 408 -12.82 16.41 -9.57
CA ASP A 408 -11.80 16.63 -10.58
C ASP A 408 -10.41 16.76 -9.91
N LEU A 409 -10.36 17.54 -8.82
CA LEU A 409 -9.09 17.77 -8.11
C LEU A 409 -8.62 16.49 -7.43
N GLU A 410 -9.52 15.77 -6.76
CA GLU A 410 -9.15 14.49 -6.10
C GLU A 410 -8.57 13.51 -7.12
N LYS A 411 -9.20 13.42 -8.28
CA LYS A 411 -8.72 12.53 -9.32
C LYS A 411 -7.38 12.97 -9.90
N TYR A 412 -7.19 14.27 -10.08
CA TYR A 412 -5.97 14.80 -10.68
C TYR A 412 -4.78 14.63 -9.72
N VAL A 413 -5.03 14.84 -8.45
CA VAL A 413 -4.00 14.63 -7.43
C VAL A 413 -3.48 13.19 -7.48
N GLU A 414 -4.42 12.24 -7.54
CA GLU A 414 -4.06 10.83 -7.55
C GLU A 414 -3.37 10.41 -8.84
N ASP A 415 -3.89 10.87 -9.99
CA ASP A 415 -3.26 10.61 -11.29
C ASP A 415 -1.83 11.13 -11.32
N THR A 416 -1.65 12.36 -10.83
CA THR A 416 -0.36 13.01 -10.76
C THR A 416 0.65 12.19 -9.96
N LYS A 417 0.23 11.78 -8.77
CA LYS A 417 1.03 10.96 -7.86
C LYS A 417 1.44 9.65 -8.52
N ILE A 418 0.49 8.97 -9.14
CA ILE A 418 0.79 7.64 -9.72
C ILE A 418 1.76 7.76 -10.89
N ASP A 419 1.61 8.78 -11.72
CA ASP A 419 2.53 8.95 -12.83
C ASP A 419 3.93 9.25 -12.31
N LEU A 420 4.04 10.04 -11.23
CA LEU A 420 5.37 10.38 -10.71
C LEU A 420 6.05 9.15 -10.08
N TRP A 421 5.30 8.37 -9.33
CA TRP A 421 5.84 7.10 -8.83
C TRP A 421 6.18 6.08 -9.89
N SER A 422 5.35 5.98 -10.93
CA SER A 422 5.61 5.07 -12.03
C SER A 422 6.91 5.42 -12.75
N TYR A 423 7.15 6.73 -12.91
CA TYR A 423 8.39 7.23 -13.47
C TYR A 423 9.56 6.86 -12.54
N ASN A 424 9.42 7.12 -11.24
CA ASN A 424 10.51 6.82 -10.32
C ASN A 424 10.88 5.33 -10.37
N ALA A 425 9.86 4.49 -10.43
CA ALA A 425 10.05 3.04 -10.46
C ALA A 425 10.79 2.61 -11.72
N GLU A 426 10.36 3.12 -12.87
CA GLU A 426 11.01 2.84 -14.13
C GLU A 426 12.49 3.26 -14.13
N LEU A 427 12.80 4.46 -13.69
CA LEU A 427 14.18 4.93 -13.64
C LEU A 427 15.00 4.13 -12.63
N LEU A 428 14.43 3.84 -11.46
CA LEU A 428 15.15 3.14 -10.38
C LEU A 428 15.62 1.77 -10.86
N VAL A 429 14.73 1.06 -11.54
CA VAL A 429 15.05 -0.30 -11.94
C VAL A 429 16.10 -0.26 -13.06
N ALA A 430 15.97 0.68 -14.00
CA ALA A 430 16.94 0.84 -15.06
C ALA A 430 18.34 1.18 -14.52
N LEU A 431 18.38 2.13 -13.59
CA LEU A 431 19.63 2.52 -12.92
C LEU A 431 20.25 1.37 -12.11
N GLU A 432 19.44 0.70 -11.31
CA GLU A 432 19.94 -0.42 -10.53
C GLU A 432 20.47 -1.54 -11.43
N ASN A 433 19.74 -1.85 -12.49
CA ASN A 433 20.15 -2.92 -13.41
C ASN A 433 21.45 -2.57 -14.15
N GLN A 434 21.58 -1.32 -14.58
CA GLN A 434 22.84 -0.85 -15.15
C GLN A 434 23.99 -1.02 -14.15
N HIS A 435 23.73 -0.68 -12.90
CA HIS A 435 24.75 -0.79 -11.86
C HIS A 435 25.14 -2.24 -11.61
N THR A 436 24.16 -3.14 -11.64
CA THR A 436 24.41 -4.58 -11.47
C THR A 436 25.25 -5.14 -12.60
N ILE A 437 24.91 -4.80 -13.85
CA ILE A 437 25.72 -5.21 -14.99
C ILE A 437 27.15 -4.65 -14.83
N ASP A 438 27.25 -3.37 -14.49
CA ASP A 438 28.57 -2.74 -14.26
C ASP A 438 29.39 -3.39 -13.14
N LEU A 439 28.79 -3.66 -11.99
CA LEU A 439 29.52 -4.24 -10.86
C LEU A 439 29.94 -5.70 -11.13
N THR A 440 29.13 -6.45 -11.87
CA THR A 440 29.47 -7.84 -12.19
C THR A 440 30.52 -7.88 -13.29
N ASP A 441 30.41 -7.00 -14.30
CA ASP A 441 31.46 -6.85 -15.30
C ASP A 441 32.77 -6.47 -14.60
N SER A 442 32.67 -5.53 -13.65
CA SER A 442 33.86 -5.05 -12.94
C SER A 442 34.59 -6.17 -12.18
N GLU A 443 33.87 -7.03 -11.45
CA GLU A 443 34.53 -8.14 -10.74
C GLU A 443 35.31 -9.05 -11.71
N MET A 444 34.79 -9.26 -12.92
CA MET A 444 35.49 -10.07 -13.92
C MET A 444 36.77 -9.36 -14.34
N ASN A 445 36.66 -8.09 -14.67
CA ASN A 445 37.82 -7.30 -15.10
C ASN A 445 38.87 -7.19 -14.02
N LYS A 446 38.45 -7.01 -12.77
CA LYS A 446 39.40 -6.91 -11.65
C LYS A 446 40.19 -8.22 -11.49
N LEU A 447 39.50 -9.35 -11.59
CA LEU A 447 40.14 -10.65 -11.46
C LEU A 447 41.17 -10.87 -12.56
N PHE A 448 40.83 -10.47 -13.78
CA PHE A 448 41.75 -10.57 -14.89
C PHE A 448 42.98 -9.71 -14.67
N GLU A 449 42.75 -8.46 -14.23
CA GLU A 449 43.86 -7.54 -14.04
C GLU A 449 44.80 -7.98 -12.93
N ARG A 450 44.27 -8.47 -11.82
CA ARG A 450 45.15 -8.91 -10.76
C ARG A 450 45.96 -10.16 -11.13
N THR A 451 45.38 -11.03 -11.94
CA THR A 451 46.11 -12.20 -12.46
C THR A 451 47.23 -11.74 -13.38
N LYS A 452 46.93 -10.80 -14.26
CA LYS A 452 47.93 -10.19 -15.12
C LYS A 452 49.10 -9.64 -14.32
N LYS A 453 48.79 -8.99 -13.20
CA LYS A 453 49.84 -8.34 -12.41
C LYS A 453 50.73 -9.39 -11.73
N GLN A 454 50.14 -10.48 -11.24
CA GLN A 454 50.90 -11.56 -10.61
C GLN A 454 51.93 -12.14 -11.58
N LEU A 455 51.51 -12.29 -12.82
CA LEU A 455 52.29 -13.03 -13.83
C LEU A 455 53.48 -12.25 -14.34
N ARG A 456 53.43 -10.91 -14.22
CA ARG A 456 54.56 -10.05 -14.62
C ARG A 456 55.02 -10.38 -16.04
N GLU A 457 56.30 -10.70 -16.22
CA GLU A 457 56.83 -10.96 -17.56
C GLU A 457 56.80 -12.45 -17.93
N ASN A 458 56.08 -13.26 -17.14
CA ASN A 458 56.07 -14.71 -17.38
C ASN A 458 54.94 -15.19 -18.27
N ALA A 459 54.09 -14.26 -18.69
CA ALA A 459 52.91 -14.59 -19.48
C ALA A 459 52.57 -13.49 -20.46
N GLU A 460 51.83 -13.85 -21.51
CA GLU A 460 51.24 -12.85 -22.41
C GLU A 460 49.72 -13.02 -22.52
N ASP A 461 49.04 -11.90 -22.69
CA ASP A 461 47.61 -11.84 -22.91
C ASP A 461 47.26 -12.32 -24.33
N MET A 462 46.53 -13.43 -24.44
CA MET A 462 46.14 -14.00 -25.74
C MET A 462 44.91 -13.33 -26.38
N GLY A 463 44.29 -12.38 -25.67
CA GLY A 463 43.20 -11.58 -26.23
C GLY A 463 41.81 -12.16 -26.09
N ASN A 464 41.69 -13.35 -25.50
CA ASN A 464 40.41 -14.03 -25.33
C ASN A 464 40.06 -14.23 -23.86
N GLY A 465 40.64 -13.42 -22.98
CA GLY A 465 40.52 -13.62 -21.53
C GLY A 465 41.44 -14.68 -20.94
N CYS A 466 42.44 -15.11 -21.71
CA CYS A 466 43.42 -16.09 -21.25
C CYS A 466 44.84 -15.57 -21.36
N PHE A 467 45.69 -16.11 -20.50
CA PHE A 467 47.14 -15.90 -20.54
C PHE A 467 47.86 -17.14 -21.06
N LYS A 468 48.84 -16.92 -21.92
CA LYS A 468 49.83 -17.94 -22.26
C LYS A 468 50.99 -17.76 -21.27
N ILE A 469 51.15 -18.74 -20.41
CA ILE A 469 52.20 -18.73 -19.39
C ILE A 469 53.40 -19.48 -20.00
N TYR A 470 54.54 -18.82 -20.06
CA TYR A 470 55.67 -19.33 -20.85
C TYR A 470 56.64 -20.21 -20.03
N HIS A 471 56.10 -20.96 -19.08
CA HIS A 471 56.89 -21.91 -18.33
C HIS A 471 56.05 -23.07 -17.93
N LYS A 472 56.67 -24.18 -17.57
CA LYS A 472 55.94 -25.32 -17.06
C LYS A 472 55.21 -24.87 -15.81
N CYS A 473 53.90 -25.10 -15.76
CA CYS A 473 53.10 -24.62 -14.61
C CYS A 473 52.12 -25.71 -14.26
N ASP A 474 52.55 -26.59 -13.35
CA ASP A 474 51.79 -27.76 -12.95
C ASP A 474 50.62 -27.37 -12.02
N ASN A 475 49.91 -28.36 -11.50
CA ASN A 475 48.69 -28.03 -10.76
C ASN A 475 48.94 -27.12 -9.56
N ALA A 476 50.02 -27.37 -8.84
CA ALA A 476 50.36 -26.57 -7.68
C ALA A 476 50.74 -25.15 -8.10
N CYS A 477 51.42 -25.03 -9.23
CA CYS A 477 51.79 -23.72 -9.76
C CYS A 477 50.52 -22.93 -10.10
N ILE A 478 49.58 -23.55 -10.80
CA ILE A 478 48.32 -22.92 -11.11
C ILE A 478 47.61 -22.49 -9.82
N GLY A 479 47.56 -23.39 -8.84
CA GLY A 479 46.98 -23.10 -7.55
C GLY A 479 47.60 -21.89 -6.88
N SER A 480 48.91 -21.74 -6.99
CA SER A 480 49.62 -20.59 -6.42
C SER A 480 49.16 -19.25 -7.04
N ILE A 481 48.84 -19.28 -8.32
CA ILE A 481 48.30 -18.10 -9.01
C ILE A 481 46.90 -17.81 -8.49
N ARG A 482 46.08 -18.86 -8.45
CA ARG A 482 44.70 -18.72 -7.96
C ARG A 482 44.65 -18.24 -6.51
N ASN A 483 45.63 -18.66 -5.72
CA ASN A 483 45.67 -18.37 -4.29
C ASN A 483 46.44 -17.10 -3.98
N GLY A 484 46.98 -16.45 -5.01
CA GLY A 484 47.70 -15.19 -4.85
C GLY A 484 49.08 -15.32 -4.22
N THR A 485 49.68 -16.50 -4.31
CA THR A 485 51.01 -16.74 -3.72
C THR A 485 52.10 -17.05 -4.75
N TYR A 486 51.78 -16.90 -6.03
CA TYR A 486 52.71 -17.18 -7.12
C TYR A 486 53.89 -16.21 -7.06
N ASP A 487 55.10 -16.76 -7.07
CA ASP A 487 56.33 -15.98 -7.04
C ASP A 487 56.93 -15.93 -8.45
N HIS A 488 56.73 -14.81 -9.15
CA HIS A 488 57.14 -14.71 -10.56
C HIS A 488 58.64 -14.86 -10.73
N ASP A 489 59.41 -14.49 -9.71
CA ASP A 489 60.88 -14.56 -9.82
C ASP A 489 61.38 -15.99 -9.99
N VAL A 490 60.66 -16.94 -9.41
CA VAL A 490 61.02 -18.36 -9.51
C VAL A 490 61.10 -18.84 -10.96
N TYR A 491 60.18 -18.33 -11.78
CA TYR A 491 60.00 -18.81 -13.15
C TYR A 491 60.52 -17.86 -14.23
N ARG A 492 60.97 -16.67 -13.84
CA ARG A 492 61.24 -15.61 -14.81
C ARG A 492 62.29 -15.97 -15.84
N ASP A 493 63.39 -16.57 -15.39
CA ASP A 493 64.45 -17.00 -16.32
C ASP A 493 63.91 -17.96 -17.39
N GLU A 494 63.17 -18.98 -16.97
CA GLU A 494 62.58 -19.95 -17.90
C GLU A 494 61.64 -19.23 -18.85
N ALA A 495 60.75 -18.40 -18.29
CA ALA A 495 59.74 -17.72 -19.09
C ALA A 495 60.35 -16.77 -20.12
N LEU A 496 61.35 -15.98 -19.71
CA LEU A 496 61.95 -15.01 -20.63
C LEU A 496 62.63 -15.69 -21.82
N ASN A 497 63.29 -16.81 -21.55
CA ASN A 497 63.91 -17.62 -22.60
CA ASN A 497 63.91 -17.58 -22.62
C ASN A 497 62.89 -18.13 -23.60
N ASN A 498 61.76 -18.62 -23.09
CA ASN A 498 60.69 -19.10 -23.96
C ASN A 498 60.00 -17.98 -24.74
N ARG A 499 59.78 -16.84 -24.11
CA ARG A 499 59.13 -15.71 -24.77
C ARG A 499 59.97 -15.09 -25.86
N PHE A 500 61.23 -14.82 -25.55
CA PHE A 500 62.10 -14.10 -26.47
C PHE A 500 63.12 -15.06 -27.05
N GLN A 501 62.64 -15.90 -27.96
CA GLN A 501 63.44 -16.88 -28.70
C GLN A 501 63.18 -16.72 -30.20
N ILE A 502 64.24 -16.63 -30.99
CA ILE A 502 64.09 -16.66 -32.45
C ILE A 502 63.73 -18.10 -32.85
N LYS A 503 62.70 -18.23 -33.69
CA LYS A 503 62.10 -19.53 -34.01
C LYS A 503 62.43 -20.00 -35.43
C1 NAG B . -31.70 29.92 26.44
C2 NAG B . -31.96 31.33 26.94
C3 NAG B . -30.67 32.03 27.34
C4 NAG B . -29.82 31.18 28.26
C5 NAG B . -29.61 29.83 27.59
C6 NAG B . -28.76 28.89 28.43
C7 NAG B . -33.89 32.57 26.04
C8 NAG B . -34.44 33.39 24.90
N2 NAG B . -32.63 32.13 25.91
O3 NAG B . -30.97 33.24 27.99
O4 NAG B . -28.56 31.80 28.40
O5 NAG B . -30.86 29.20 27.34
O6 NAG B . -29.48 28.47 29.56
O7 NAG B . -34.60 32.34 27.03
C1 NAG B . -28.21 32.08 29.76
C2 NAG B . -26.70 32.33 29.84
C3 NAG B . -26.25 32.82 31.21
C4 NAG B . -27.20 33.86 31.84
C5 NAG B . -28.64 33.37 31.66
C6 NAG B . -29.69 34.31 32.24
C7 NAG B . -25.40 30.90 28.31
C8 NAG B . -24.78 29.54 28.12
N2 NAG B . -26.02 31.09 29.47
O3 NAG B . -24.94 33.37 31.13
O4 NAG B . -26.87 33.97 33.22
O5 NAG B . -28.92 33.18 30.28
O6 NAG B . -29.75 35.50 31.48
O7 NAG B . -25.30 31.77 27.45
C1 MAN B . -26.44 35.28 33.68
C2 MAN B . -24.99 35.26 34.19
C3 MAN B . -24.53 36.65 34.66
C4 MAN B . -25.68 37.65 34.68
C5 MAN B . -26.92 37.03 35.32
C6 MAN B . -28.14 37.93 35.14
O2 MAN B . -24.10 34.76 33.19
O3 MAN B . -23.49 37.18 33.83
O4 MAN B . -25.29 38.82 35.40
O5 MAN B . -27.24 35.72 34.79
O6 MAN B . -27.93 39.17 35.83
C1 NAG C . -35.58 29.48 21.06
C2 NAG C . -36.75 29.65 20.10
C3 NAG C . -37.57 30.88 20.46
C4 NAG C . -37.90 30.92 21.94
C5 NAG C . -36.62 30.74 22.75
C6 NAG C . -36.85 30.76 24.26
C7 NAG C . -36.42 29.00 17.74
C8 NAG C . -35.82 29.41 16.43
N2 NAG C . -36.25 29.86 18.75
O3 NAG C . -38.73 30.90 19.65
O4 NAG C . -38.50 32.17 22.25
O5 NAG C . -36.04 29.50 22.40
O6 NAG C . -37.64 29.63 24.60
O7 NAG C . -37.03 27.93 17.84
C1 NAG C . -39.91 32.06 22.50
C2 NAG C . -40.38 33.42 23.00
C3 NAG C . -41.91 33.55 23.06
C4 NAG C . -42.56 32.95 21.82
C5 NAG C . -42.04 31.53 21.62
C6 NAG C . -42.74 30.74 20.50
C7 NAG C . -38.82 34.53 24.53
C8 NAG C . -38.29 34.58 25.94
N2 NAG C . -39.76 33.62 24.29
O3 NAG C . -42.25 34.90 23.17
O4 NAG C . -43.97 32.99 21.97
O5 NAG C . -40.65 31.64 21.35
O6 NAG C . -42.41 31.25 19.22
O7 NAG C . -38.39 35.31 23.68
C1 NAG D . 17.43 -15.51 -8.19
C2 NAG D . 17.61 -16.82 -7.43
C3 NAG D . 16.76 -16.89 -6.15
C4 NAG D . 16.91 -15.62 -5.33
C5 NAG D . 16.62 -14.39 -6.20
C6 NAG D . 16.80 -13.10 -5.39
C7 NAG D . 18.20 -18.71 -8.84
C8 NAG D . 17.71 -19.80 -9.76
N2 NAG D . 17.27 -17.91 -8.32
O3 NAG D . 17.21 -17.99 -5.39
O4 NAG D . 16.03 -15.65 -4.21
O5 NAG D . 17.45 -14.35 -7.34
O6 NAG D . 18.13 -13.03 -4.90
O7 NAG D . 19.40 -18.58 -8.61
C1 NAG E . -28.19 -8.75 5.06
C2 NAG E . -28.29 -9.97 5.96
C3 NAG E . -28.74 -11.20 5.20
C4 NAG E . -30.01 -10.87 4.42
C5 NAG E . -29.69 -9.68 3.50
C6 NAG E . -30.83 -9.30 2.57
C7 NAG E . -26.79 -9.91 7.90
C8 NAG E . -25.42 -10.20 8.42
N2 NAG E . -27.02 -10.20 6.62
O3 NAG E . -28.96 -12.22 6.14
O4 NAG E . -30.46 -11.99 3.67
O5 NAG E . -29.40 -8.58 4.33
O6 NAG E . -31.97 -9.01 3.35
O7 NAG E . -27.65 -9.41 8.64
C1 NAG F . -36.24 22.09 31.77
C2 NAG F . -35.98 22.15 33.28
C3 NAG F . -36.89 23.18 33.97
C4 NAG F . -36.92 24.49 33.18
C5 NAG F . -37.29 24.21 31.73
C6 NAG F . -37.38 25.48 30.88
C7 NAG F . -35.33 20.21 34.67
C8 NAG F . -35.72 18.83 35.13
N2 NAG F . -36.19 20.82 33.84
O3 NAG F . -36.43 23.43 35.27
O4 NAG F . -37.83 25.39 33.76
O5 NAG F . -36.31 23.37 31.17
O6 NAG F . -38.70 25.71 30.44
O7 NAG F . -34.27 20.71 35.06
C1 NAG G . -37.22 6.72 25.83
C2 NAG G . -36.38 5.73 26.64
C3 NAG G . -36.99 5.38 28.00
C4 NAG G . -37.37 6.67 28.73
C5 NAG G . -38.26 7.49 27.79
C6 NAG G . -38.78 8.78 28.42
C7 NAG G . -34.91 4.23 25.38
C8 NAG G . -33.77 5.20 25.57
N2 NAG G . -36.10 4.53 25.89
O3 NAG G . -36.03 4.65 28.73
O4 NAG G . -38.05 6.36 29.93
O5 NAG G . -37.48 7.83 26.67
O6 NAG G . -40.02 9.08 27.83
O7 NAG G . -34.73 3.20 24.74
C1 NAG H . -8.50 -5.10 -8.30
C2 NAG H . -8.09 -5.80 -9.62
C3 NAG H . -8.23 -4.86 -10.82
C4 NAG H . -9.53 -4.05 -10.77
C5 NAG H . -9.67 -3.41 -9.39
C6 NAG H . -10.89 -2.49 -9.23
C7 NAG H . -6.54 -7.69 -9.27
C8 NAG H . -5.15 -8.26 -9.34
N2 NAG H . -6.75 -6.41 -9.62
O3 NAG H . -8.14 -5.59 -12.03
O4 NAG H . -9.46 -3.06 -11.78
O5 NAG H . -9.73 -4.44 -8.40
O6 NAG H . -12.08 -3.23 -9.34
O7 NAG H . -7.45 -8.44 -8.88
C1 NAG I . 46.92 -21.97 -2.16
C2 NAG I . 46.43 -23.01 -3.19
C3 NAG I . 47.42 -24.17 -3.34
C4 NAG I . 48.79 -23.60 -3.65
C5 NAG I . 49.18 -22.69 -2.49
C6 NAG I . 50.60 -22.14 -2.65
C7 NAG I . 44.10 -23.50 -3.77
C8 NAG I . 42.80 -24.09 -3.28
N2 NAG I . 45.11 -23.53 -2.88
O3 NAG I . 47.01 -25.06 -4.37
O4 NAG I . 49.72 -24.64 -3.89
O5 NAG I . 48.27 -21.61 -2.43
O6 NAG I . 51.55 -23.16 -2.43
O7 NAG I . 44.19 -23.04 -4.91
N1 EPE J . -33.30 1.50 21.35
C2 EPE J . -34.70 1.18 21.64
C3 EPE J . -35.53 1.98 20.65
N4 EPE J . -35.27 3.44 20.68
C5 EPE J . -33.85 3.84 20.85
C6 EPE J . -33.05 2.90 21.75
C7 EPE J . -35.79 4.04 19.43
C8 EPE J . -36.04 5.53 19.60
O8 EPE J . -34.97 6.33 19.08
C9 EPE J . -32.36 0.56 21.99
C10 EPE J . -31.50 -0.05 20.90
S EPE J . -30.55 -1.27 21.51
O1S EPE J . -29.74 -1.81 20.46
O2S EPE J . -31.38 -2.32 22.05
O3S EPE J . -29.58 -0.68 22.69
N1 EPE K . -28.75 7.37 0.54
C2 EPE K . -28.24 8.75 0.75
C3 EPE K . -26.89 8.86 0.01
N4 EPE K . -25.94 7.89 0.59
C5 EPE K . -26.45 6.52 0.40
C6 EPE K . -27.79 6.40 1.12
C7 EPE K . -24.53 8.05 0.15
C8 EPE K . -24.36 8.25 -1.35
O8 EPE K . -24.51 9.65 -1.65
C9 EPE K . -30.18 7.16 0.94
C10 EPE K . -30.48 6.70 2.39
S EPE K . -32.11 6.26 2.50
O1S EPE K . -32.49 6.17 3.88
O2S EPE K . -32.27 4.97 1.85
O3S EPE K . -33.01 7.37 1.74
N1 EPE L . -20.47 2.78 27.58
C2 EPE L . -19.95 3.40 26.33
C3 EPE L . -18.93 2.49 25.65
N4 EPE L . -17.73 2.23 26.50
C5 EPE L . -18.00 2.52 27.93
C6 EPE L . -19.42 2.10 28.35
C7 EPE L . -17.21 0.86 26.29
C8 EPE L . -16.11 0.81 25.24
O8 EPE L . -16.67 0.71 23.94
C9 EPE L . -21.16 3.77 28.44
C10 EPE L . -22.22 4.55 27.67
S EPE L . -23.49 5.13 28.62
O1S EPE L . -23.04 5.80 29.81
O2S EPE L . -24.35 4.03 28.97
O3S EPE L . -24.30 6.18 27.68
C TAM M . 14.86 3.47 -1.78
C1 TAM M . 15.90 4.35 -2.49
C2 TAM M . 13.70 3.11 -2.72
C3 TAM M . 14.50 4.15 -0.45
C4 TAM M . 16.67 3.59 -3.58
C5 TAM M . 12.27 3.32 -2.21
C6 TAM M . 14.13 5.62 -0.56
N TAM M . 15.51 2.22 -1.42
O4 TAM M . 17.75 4.41 -4.06
O5 TAM M . 11.37 2.63 -3.08
O6 TAM M . 13.55 6.07 0.67
C1 SIA N . -46.21 5.46 11.20
C2 SIA N . -47.29 6.09 12.06
C3 SIA N . -47.20 5.64 13.53
C4 SIA N . -46.04 6.30 14.27
C5 SIA N . -46.02 7.81 14.07
C6 SIA N . -46.06 8.12 12.58
C7 SIA N . -46.08 9.61 12.28
C8 SIA N . -46.35 9.89 10.81
C9 SIA N . -45.69 11.20 10.38
C10 SIA N . -44.80 9.55 15.32
C11 SIA N . -43.46 9.95 15.88
N5 SIA N . -44.82 8.37 14.68
O1A SIA N . -45.46 4.58 11.67
O1B SIA N . -46.11 5.85 10.01
O2 SIA N . -48.55 5.66 11.52
O4 SIA N . -46.13 6.03 15.67
O6 SIA N . -47.23 7.51 11.98
O7 SIA N . -47.08 10.25 13.07
O8 SIA N . -45.85 8.81 10.02
O9 SIA N . -45.96 11.42 9.00
O10 SIA N . -45.79 10.25 15.43
#